data_9G1P
#
_entry.id   9G1P
#
_cell.length_a   68.081
_cell.length_b   89.745
_cell.length_c   44.919
_cell.angle_alpha   90.000
_cell.angle_beta   90.000
_cell.angle_gamma   90.000
#
_symmetry.space_group_name_H-M   'P 21 21 2'
#
loop_
_entity.id
_entity.type
_entity.pdbx_description
1 polymer 'Fosfomycin resistance protein'
2 non-polymer 1,2-ETHANEDIOL
3 non-polymer 'MANGANESE (II) ION'
4 non-polymer 'DIMETHYL SULFOXIDE'
5 non-polymer 6-azanyl-3-methyl-1,3-benzoxazol-2-one
6 water water
#
_entity_poly.entity_id   1
_entity_poly.type   'polypeptide(L)'
_entity_poly.pdbx_seq_one_letter_code
;MLSGLNHLTLAVSQLAPSVAFYQQLLGMTLHARWDSGAYLSCGDLWLCLSLDPQRRVTPPEESDYTHYAFSISEADFASF
AARLEAAGVAVWKLNRSEGASHYFLDPDGHKLELHVGSLAQRLAACREQPYKGMVFFEQHHHHHH
;
_entity_poly.pdbx_strand_id   A,B
#
loop_
_chem_comp.id
_chem_comp.type
_chem_comp.name
_chem_comp.formula
DMS non-polymer 'DIMETHYL SULFOXIDE' 'C2 H6 O S'
EDO non-polymer 1,2-ETHANEDIOL 'C2 H6 O2'
MN non-polymer 'MANGANESE (II) ION' 'Mn 2'
SYV non-polymer 6-azanyl-3-methyl-1,3-benzoxazol-2-one 'C8 H8 N2 O2'
#
# COMPACT_ATOMS: atom_id res chain seq x y z
N MET A 1 -7.26 4.95 -17.70
CA MET A 1 -7.95 4.21 -16.59
C MET A 1 -7.02 3.41 -15.69
N LEU A 2 -7.19 3.59 -14.38
CA LEU A 2 -6.33 2.87 -13.44
C LEU A 2 -6.88 1.47 -13.24
N SER A 3 -5.97 0.50 -13.14
N SER A 3 -5.98 0.49 -13.20
CA SER A 3 -6.40 -0.89 -13.18
CA SER A 3 -6.41 -0.87 -12.92
C SER A 3 -6.03 -1.69 -11.94
C SER A 3 -5.41 -1.56 -12.02
N GLY A 4 -5.38 -1.10 -10.96
N GLY A 4 -5.69 -1.51 -10.73
CA GLY A 4 -5.07 -1.80 -9.73
CA GLY A 4 -4.92 -2.25 -9.76
C GLY A 4 -3.80 -1.23 -9.12
C GLY A 4 -3.72 -1.48 -9.27
N LEU A 5 -3.24 -1.96 -8.16
CA LEU A 5 -1.99 -1.51 -7.56
C LEU A 5 -0.85 -2.12 -8.36
N ASN A 6 -0.02 -1.28 -8.92
CA ASN A 6 1.17 -1.74 -9.63
C ASN A 6 2.23 -2.24 -8.66
N HIS A 7 2.51 -1.47 -7.62
CA HIS A 7 3.44 -1.90 -6.58
C HIS A 7 3.22 -1.07 -5.32
N LEU A 8 3.65 -1.68 -4.21
CA LEU A 8 3.74 -1.05 -2.91
C LEU A 8 5.22 -0.87 -2.58
N THR A 9 5.64 0.37 -2.27
CA THR A 9 7.01 0.64 -1.86
C THR A 9 7.00 1.10 -0.42
N LEU A 10 7.74 0.38 0.42
CA LEU A 10 7.94 0.74 1.82
C LEU A 10 9.35 1.27 2.02
N ALA A 11 9.47 2.46 2.59
CA ALA A 11 10.76 3.00 3.01
C ALA A 11 11.20 2.25 4.25
N VAL A 12 12.44 1.84 4.26
CA VAL A 12 12.99 1.10 5.39
C VAL A 12 14.26 1.77 5.87
N SER A 13 14.53 1.67 7.18
CA SER A 13 15.72 2.27 7.76
C SER A 13 16.94 1.37 7.71
N GLN A 14 16.74 0.05 7.76
CA GLN A 14 17.82 -0.91 7.71
C GLN A 14 17.38 -2.04 6.78
N LEU A 15 18.09 -2.20 5.68
CA LEU A 15 17.59 -3.08 4.64
C LEU A 15 17.59 -4.54 5.08
N ALA A 16 18.68 -5.00 5.69
CA ALA A 16 18.78 -6.43 6.00
C ALA A 16 17.67 -6.93 6.92
N PRO A 17 17.35 -6.28 8.05
N PRO A 17 17.43 -6.32 8.08
CA PRO A 17 16.27 -6.81 8.88
CA PRO A 17 16.29 -6.75 8.91
C PRO A 17 14.91 -6.69 8.20
C PRO A 17 14.98 -6.72 8.18
N SER A 18 14.73 -5.72 7.32
N SER A 18 14.73 -5.68 7.36
CA SER A 18 13.46 -5.61 6.62
CA SER A 18 13.49 -5.61 6.62
C SER A 18 13.32 -6.73 5.59
C SER A 18 13.35 -6.79 5.66
N VAL A 19 14.38 -7.04 4.84
CA VAL A 19 14.31 -8.17 3.92
C VAL A 19 14.01 -9.45 4.71
N ALA A 20 14.69 -9.62 5.84
CA ALA A 20 14.46 -10.82 6.64
C ALA A 20 13.02 -10.91 7.11
N PHE A 21 12.45 -9.79 7.52
CA PHE A 21 11.08 -9.81 7.99
C PHE A 21 10.11 -10.25 6.90
N TYR A 22 10.20 -9.62 5.73
CA TYR A 22 9.25 -9.93 4.66
C TYR A 22 9.49 -11.29 4.03
N GLN A 23 10.74 -11.67 3.83
CA GLN A 23 11.08 -12.94 3.23
C GLN A 23 11.03 -14.08 4.23
N GLN A 24 11.81 -14.01 5.31
CA GLN A 24 11.91 -15.14 6.23
C GLN A 24 10.66 -15.26 7.09
N LEU A 25 10.22 -14.17 7.71
CA LEU A 25 9.14 -14.27 8.67
C LEU A 25 7.79 -14.34 7.98
N LEU A 26 7.55 -13.50 6.98
CA LEU A 26 6.26 -13.48 6.32
C LEU A 26 6.16 -14.41 5.13
N GLY A 27 7.28 -14.94 4.63
CA GLY A 27 7.26 -15.93 3.58
C GLY A 27 7.13 -15.39 2.19
N MET A 28 7.36 -14.08 1.99
CA MET A 28 7.24 -13.57 0.66
C MET A 28 8.44 -14.01 -0.18
N THR A 29 8.30 -13.90 -1.50
CA THR A 29 9.32 -14.36 -2.44
C THR A 29 10.29 -13.22 -2.74
N LEU A 30 11.57 -13.43 -2.44
CA LEU A 30 12.61 -12.44 -2.73
C LEU A 30 13.14 -12.67 -4.14
N HIS A 31 13.03 -11.66 -5.00
CA HIS A 31 13.49 -11.73 -6.38
C HIS A 31 14.84 -11.09 -6.60
N ALA A 32 15.12 -10.00 -5.90
CA ALA A 32 16.40 -9.31 -6.07
C ALA A 32 16.64 -8.44 -4.87
N ARG A 33 17.91 -8.20 -4.57
CA ARG A 33 18.34 -7.36 -3.47
C ARG A 33 19.59 -6.63 -3.92
N TRP A 34 19.67 -5.33 -3.63
CA TRP A 34 20.83 -4.52 -3.95
C TRP A 34 21.15 -3.62 -2.77
N ASP A 35 22.15 -2.75 -2.92
CA ASP A 35 22.64 -2.04 -1.75
C ASP A 35 21.57 -1.17 -1.13
N SER A 36 20.61 -0.68 -1.93
N SER A 36 20.58 -0.73 -1.89
CA SER A 36 19.60 0.26 -1.46
CA SER A 36 19.61 0.20 -1.35
C SER A 36 18.16 -0.26 -1.53
C SER A 36 18.17 -0.23 -1.61
N GLY A 37 17.93 -1.53 -1.77
CA GLY A 37 16.56 -1.99 -1.84
C GLY A 37 16.43 -3.47 -2.12
N ALA A 38 15.17 -3.89 -2.23
CA ALA A 38 14.85 -5.26 -2.57
C ALA A 38 13.49 -5.31 -3.25
N TYR A 39 13.32 -6.29 -4.13
CA TYR A 39 12.04 -6.58 -4.75
C TYR A 39 11.55 -7.94 -4.30
N LEU A 40 10.31 -7.99 -3.83
CA LEU A 40 9.66 -9.21 -3.39
C LEU A 40 8.31 -9.31 -4.07
N SER A 41 7.74 -10.50 -4.09
CA SER A 41 6.34 -10.65 -4.45
C SER A 41 5.61 -11.43 -3.39
N CYS A 42 4.32 -11.17 -3.31
CA CYS A 42 3.38 -11.85 -2.43
C CYS A 42 2.17 -12.13 -3.31
N GLY A 43 2.06 -13.34 -3.84
CA GLY A 43 1.07 -13.55 -4.88
C GLY A 43 1.35 -12.59 -6.02
N ASP A 44 0.31 -11.86 -6.45
N ASP A 44 0.31 -11.86 -6.41
CA ASP A 44 0.49 -10.88 -7.51
CA ASP A 44 0.36 -10.85 -7.47
C ASP A 44 1.09 -9.55 -7.03
C ASP A 44 0.84 -9.48 -7.00
N LEU A 45 1.15 -9.31 -5.72
CA LEU A 45 1.70 -8.04 -5.24
C LEU A 45 3.21 -7.93 -5.48
N TRP A 46 3.61 -6.82 -6.08
CA TRP A 46 5.00 -6.39 -6.20
C TRP A 46 5.28 -5.47 -5.02
N LEU A 47 6.13 -5.92 -4.12
CA LEU A 47 6.60 -5.17 -2.96
C LEU A 47 8.03 -4.71 -3.18
N CYS A 48 8.27 -3.42 -2.97
N CYS A 48 8.28 -3.41 -3.01
CA CYS A 48 9.60 -2.84 -3.01
CA CYS A 48 9.63 -2.89 -3.02
C CYS A 48 9.97 -2.35 -1.63
C CYS A 48 9.96 -2.41 -1.62
N LEU A 49 11.11 -2.80 -1.10
CA LEU A 49 11.70 -2.24 0.09
C LEU A 49 12.77 -1.28 -0.36
N SER A 50 12.67 -0.03 0.06
CA SER A 50 13.60 1.01 -0.39
C SER A 50 14.33 1.61 0.80
N LEU A 51 15.66 1.46 0.83
CA LEU A 51 16.44 2.01 1.93
C LEU A 51 16.35 3.53 1.89
N ASP A 52 15.91 4.14 2.98
CA ASP A 52 15.66 5.56 3.00
C ASP A 52 16.21 6.12 4.30
N PRO A 53 17.26 6.95 4.27
CA PRO A 53 17.73 7.56 5.52
C PRO A 53 16.69 8.40 6.23
N GLN A 54 15.62 8.81 5.55
N GLN A 54 15.61 8.79 5.57
CA GLN A 54 14.53 9.55 6.18
CA GLN A 54 14.56 9.56 6.23
C GLN A 54 13.61 8.66 7.01
C GLN A 54 13.49 8.69 6.87
N ARG A 55 13.57 7.36 6.76
CA ARG A 55 12.63 6.51 7.48
C ARG A 55 12.97 6.44 8.95
N ARG A 56 11.98 6.67 9.80
CA ARG A 56 12.16 6.51 11.22
C ARG A 56 11.36 5.33 11.73
N VAL A 57 11.92 4.67 12.73
CA VAL A 57 11.21 3.62 13.45
C VAL A 57 10.12 4.31 14.23
N THR A 58 8.86 4.03 13.91
CA THR A 58 7.75 4.83 14.40
C THR A 58 6.80 4.05 15.28
N PRO A 59 6.65 4.41 16.55
CA PRO A 59 5.68 3.72 17.39
C PRO A 59 4.29 3.91 16.84
N PRO A 60 3.40 2.94 17.09
CA PRO A 60 2.07 2.99 16.44
C PRO A 60 1.19 4.12 16.95
N GLU A 61 1.43 4.61 18.15
CA GLU A 61 0.67 5.74 18.66
C GLU A 61 1.07 7.05 17.99
N GLU A 62 2.17 7.07 17.25
N GLU A 62 2.21 7.06 17.28
CA GLU A 62 2.64 8.29 16.60
CA GLU A 62 2.71 8.24 16.58
C GLU A 62 2.52 8.18 15.07
C GLU A 62 2.31 8.28 15.10
N SER A 63 1.81 7.19 14.55
CA SER A 63 1.39 7.18 13.16
C SER A 63 -0.13 7.08 13.04
N ASP A 64 -0.63 7.51 11.89
CA ASP A 64 -2.05 7.43 11.61
C ASP A 64 -2.42 6.00 11.22
N TYR A 65 -3.69 5.82 10.86
CA TYR A 65 -4.26 4.49 10.61
C TYR A 65 -3.89 3.89 9.25
N THR A 66 -3.08 4.56 8.43
CA THR A 66 -2.69 4.01 7.14
C THR A 66 -2.06 2.63 7.37
N HIS A 67 -2.50 1.63 6.61
CA HIS A 67 -2.01 0.27 6.84
C HIS A 67 -2.17 -0.59 5.61
N TYR A 68 -1.49 -1.74 5.64
CA TYR A 68 -1.36 -2.65 4.50
C TYR A 68 -1.74 -4.03 4.96
N ALA A 69 -2.80 -4.58 4.36
CA ALA A 69 -3.30 -5.89 4.74
C ALA A 69 -2.98 -6.92 3.69
N PHE A 70 -2.53 -8.08 4.14
CA PHE A 70 -2.22 -9.23 3.29
C PHE A 70 -3.27 -10.30 3.45
N SER A 71 -3.60 -10.96 2.34
CA SER A 71 -4.60 -12.00 2.34
C SER A 71 -4.02 -13.31 2.86
N ILE A 72 -4.82 -14.01 3.66
CA ILE A 72 -4.49 -15.33 4.16
C ILE A 72 -5.79 -16.11 4.24
N SER A 73 -5.69 -17.43 4.09
CA SER A 73 -6.89 -18.25 4.12
C SER A 73 -7.40 -18.43 5.55
N GLU A 74 -8.66 -18.80 5.64
CA GLU A 74 -9.24 -19.11 6.95
C GLU A 74 -8.49 -20.26 7.62
N ALA A 75 -8.02 -21.24 6.84
CA ALA A 75 -7.32 -22.38 7.43
C ALA A 75 -5.96 -22.00 8.01
N ASP A 76 -5.31 -20.99 7.43
CA ASP A 76 -3.94 -20.64 7.83
C ASP A 76 -3.88 -19.47 8.81
N PHE A 77 -4.96 -18.71 8.96
CA PHE A 77 -4.90 -17.43 9.65
C PHE A 77 -4.39 -17.56 11.08
N ALA A 78 -5.04 -18.41 11.87
CA ALA A 78 -4.76 -18.44 13.30
C ALA A 78 -3.34 -18.89 13.58
N SER A 79 -2.86 -19.91 12.87
N SER A 79 -2.88 -19.94 12.89
CA SER A 79 -1.52 -20.39 13.20
CA SER A 79 -1.53 -20.43 13.11
C SER A 79 -0.45 -19.40 12.77
C SER A 79 -0.51 -19.35 12.80
N PHE A 80 -0.70 -18.65 11.68
CA PHE A 80 0.24 -17.63 11.24
C PHE A 80 0.29 -16.48 12.24
N ALA A 81 -0.89 -16.01 12.68
CA ALA A 81 -0.92 -14.98 13.70
C ALA A 81 -0.21 -15.44 14.97
N ALA A 82 -0.45 -16.69 15.40
CA ALA A 82 0.16 -17.18 16.63
C ALA A 82 1.66 -17.27 16.49
N ARG A 83 2.14 -17.64 15.30
CA ARG A 83 3.57 -17.69 15.07
C ARG A 83 4.20 -16.31 15.15
N LEU A 84 3.56 -15.28 14.56
CA LEU A 84 4.08 -13.92 14.71
C LEU A 84 4.12 -13.53 16.18
N GLU A 85 3.05 -13.84 16.94
CA GLU A 85 3.02 -13.53 18.37
C GLU A 85 4.17 -14.20 19.10
N ALA A 86 4.38 -15.49 18.85
CA ALA A 86 5.43 -16.20 19.56
C ALA A 86 6.81 -15.68 19.17
N ALA A 87 6.96 -15.15 17.97
CA ALA A 87 8.21 -14.56 17.53
C ALA A 87 8.43 -13.15 18.07
N GLY A 88 7.50 -12.60 18.84
CA GLY A 88 7.71 -11.30 19.45
C GLY A 88 7.36 -10.13 18.56
N VAL A 89 6.61 -10.35 17.49
CA VAL A 89 6.23 -9.26 16.59
C VAL A 89 5.26 -8.34 17.30
N ALA A 90 5.58 -7.04 17.30
CA ALA A 90 4.78 -6.03 17.98
C ALA A 90 3.44 -5.86 17.28
N VAL A 91 2.52 -5.30 18.02
N VAL A 91 2.43 -5.47 18.06
CA VAL A 91 1.18 -5.16 17.51
CA VAL A 91 1.04 -5.38 17.59
C VAL A 91 0.75 -3.72 17.60
C VAL A 91 0.50 -3.99 17.89
N TRP A 92 -0.42 -3.51 17.04
CA TRP A 92 -0.90 -2.17 17.06
C TRP A 92 -2.40 -2.11 17.19
N LYS A 93 -3.11 -3.23 17.06
CA LYS A 93 -4.55 -3.11 17.25
C LYS A 93 -5.11 -4.47 17.63
N LEU A 94 -6.12 -4.47 18.49
CA LEU A 94 -6.71 -5.73 18.96
C LEU A 94 -8.16 -5.94 18.55
N ASN A 95 -8.94 -4.88 18.48
CA ASN A 95 -10.37 -4.97 18.23
C ASN A 95 -10.62 -5.23 16.74
N ARG A 96 -11.39 -6.28 16.45
CA ARG A 96 -11.67 -6.69 15.07
C ARG A 96 -12.86 -5.89 14.58
N SER A 97 -12.58 -4.70 14.04
CA SER A 97 -13.60 -3.81 13.55
C SER A 97 -13.89 -4.01 12.07
N GLU A 98 -13.14 -4.88 11.39
CA GLU A 98 -13.33 -5.10 9.95
C GLU A 98 -13.18 -6.59 9.63
N GLY A 99 -13.67 -7.46 10.51
CA GLY A 99 -13.64 -8.89 10.29
C GLY A 99 -12.43 -9.57 10.92
N ALA A 100 -12.08 -10.72 10.37
CA ALA A 100 -11.01 -11.56 10.91
C ALA A 100 -9.67 -10.99 10.48
N SER A 101 -8.99 -10.33 11.42
CA SER A 101 -7.76 -9.62 11.15
C SER A 101 -6.81 -9.74 12.34
N HIS A 102 -5.52 -9.75 12.03
CA HIS A 102 -4.44 -9.67 13.01
C HIS A 102 -3.58 -8.47 12.64
N TYR A 103 -3.35 -7.56 13.58
CA TYR A 103 -2.68 -6.28 13.31
C TYR A 103 -1.28 -6.30 13.91
N PHE A 104 -0.26 -6.12 13.08
CA PHE A 104 1.11 -6.24 13.53
C PHE A 104 1.99 -5.22 12.84
N LEU A 105 3.18 -5.01 13.41
CA LEU A 105 4.11 -3.99 12.96
C LEU A 105 5.35 -4.62 12.32
N ASP A 106 5.85 -3.96 11.27
CA ASP A 106 7.16 -4.31 10.70
C ASP A 106 8.25 -3.63 11.52
N PRO A 107 9.52 -3.91 11.19
CA PRO A 107 10.63 -3.37 12.01
C PRO A 107 10.67 -1.86 12.12
N ASP A 108 10.16 -1.15 11.13
CA ASP A 108 10.10 0.31 11.15
C ASP A 108 8.78 0.85 11.65
N GLY A 109 7.86 -0.01 12.08
CA GLY A 109 6.56 0.44 12.51
C GLY A 109 5.56 0.60 11.39
N HIS A 110 5.85 0.13 10.17
CA HIS A 110 4.77 0.09 9.18
C HIS A 110 3.64 -0.77 9.72
N LYS A 111 2.42 -0.28 9.57
CA LYS A 111 1.25 -0.98 10.08
C LYS A 111 0.77 -2.01 9.07
N LEU A 112 0.85 -3.27 9.48
CA LEU A 112 0.48 -4.41 8.67
C LEU A 112 -0.71 -5.14 9.28
N GLU A 113 -1.29 -6.01 8.47
CA GLU A 113 -2.48 -6.76 8.87
C GLU A 113 -2.54 -8.05 8.08
N LEU A 114 -2.94 -9.14 8.76
CA LEU A 114 -3.42 -10.34 8.10
C LEU A 114 -4.93 -10.28 8.08
N HIS A 115 -5.56 -10.50 6.93
CA HIS A 115 -7.02 -10.46 6.86
C HIS A 115 -7.55 -11.63 6.07
N VAL A 116 -8.63 -12.22 6.56
CA VAL A 116 -9.36 -13.26 5.85
C VAL A 116 -10.59 -12.63 5.23
N GLY A 117 -10.68 -12.66 3.91
CA GLY A 117 -11.91 -12.28 3.23
C GLY A 117 -11.73 -11.19 2.21
N SER A 118 -12.65 -11.15 1.24
CA SER A 118 -12.62 -10.20 0.13
C SER A 118 -13.44 -8.96 0.45
N LEU A 119 -13.36 -7.97 -0.44
CA LEU A 119 -14.23 -6.80 -0.33
C LEU A 119 -15.70 -7.21 -0.42
N ALA A 120 -16.05 -8.11 -1.35
CA ALA A 120 -17.44 -8.54 -1.45
C ALA A 120 -17.91 -9.14 -0.14
N GLN A 121 -17.07 -9.96 0.48
CA GLN A 121 -17.45 -10.57 1.75
C GLN A 121 -17.58 -9.51 2.85
N ARG A 122 -16.73 -8.49 2.82
N ARG A 122 -16.67 -8.55 2.87
CA ARG A 122 -16.83 -7.46 3.84
CA ARG A 122 -16.78 -7.42 3.80
C ARG A 122 -18.08 -6.61 3.65
C ARG A 122 -18.13 -6.73 3.63
N LEU A 123 -18.46 -6.35 2.39
CA LEU A 123 -19.68 -5.61 2.15
C LEU A 123 -20.90 -6.40 2.62
N ALA A 124 -20.91 -7.70 2.38
CA ALA A 124 -22.01 -8.54 2.83
C ALA A 124 -22.08 -8.56 4.35
N ALA A 125 -20.94 -8.68 5.02
CA ALA A 125 -20.96 -8.65 6.47
C ALA A 125 -21.47 -7.30 6.98
N CYS A 126 -21.06 -6.21 6.30
CA CYS A 126 -21.45 -4.87 6.72
C CYS A 126 -22.94 -4.62 6.54
N ARG A 127 -23.56 -5.23 5.54
CA ARG A 127 -25.00 -5.09 5.43
C ARG A 127 -25.71 -5.56 6.70
N GLU A 128 -25.17 -6.59 7.36
CA GLU A 128 -25.79 -7.11 8.58
C GLU A 128 -25.40 -6.31 9.82
N GLN A 129 -24.19 -5.80 9.83
CA GLN A 129 -23.60 -5.13 10.98
C GLN A 129 -22.91 -3.92 10.38
N PRO A 130 -23.68 -2.94 9.94
CA PRO A 130 -23.08 -1.83 9.21
C PRO A 130 -22.33 -0.88 10.14
N TYR A 131 -21.35 -0.21 9.57
N TYR A 131 -21.36 -0.18 9.55
CA TYR A 131 -20.72 0.91 10.25
CA TYR A 131 -20.79 0.95 10.23
C TYR A 131 -21.71 2.09 10.29
C TYR A 131 -21.86 2.01 10.42
N LYS A 132 -21.57 2.96 11.29
CA LYS A 132 -22.53 4.05 11.46
C LYS A 132 -22.66 4.94 10.21
N GLY A 133 -23.89 5.15 9.75
CA GLY A 133 -24.15 6.00 8.60
C GLY A 133 -23.86 5.35 7.27
N MET A 134 -23.70 4.03 7.25
CA MET A 134 -23.24 3.36 6.04
C MET A 134 -24.27 3.35 4.94
N VAL A 135 -23.82 3.66 3.74
N VAL A 135 -23.82 3.66 3.73
CA VAL A 135 -24.59 3.58 2.51
CA VAL A 135 -24.61 3.56 2.52
C VAL A 135 -23.83 2.70 1.54
C VAL A 135 -23.84 2.70 1.53
N PHE A 136 -24.57 1.88 0.78
CA PHE A 136 -24.01 0.96 -0.19
C PHE A 136 -24.41 1.46 -1.57
N PHE A 137 -23.47 1.43 -2.49
CA PHE A 137 -23.75 1.87 -3.85
C PHE A 137 -23.81 0.64 -4.75
N MET B 1 0.15 -19.16 4.65
CA MET B 1 0.91 -18.50 3.53
C MET B 1 0.14 -17.28 3.04
N LEU B 2 0.84 -16.19 2.78
CA LEU B 2 0.17 -14.97 2.32
C LEU B 2 -0.03 -15.05 0.82
N SER B 3 -1.19 -14.63 0.34
CA SER B 3 -1.53 -14.84 -1.05
C SER B 3 -1.65 -13.56 -1.87
N GLY B 4 -1.44 -12.40 -1.28
CA GLY B 4 -1.50 -11.16 -2.02
C GLY B 4 -1.80 -9.99 -1.08
N LEU B 5 -1.97 -8.82 -1.68
CA LEU B 5 -2.47 -7.66 -0.94
C LEU B 5 -3.96 -7.78 -0.79
N ASN B 6 -4.44 -7.78 0.44
CA ASN B 6 -5.87 -7.83 0.70
C ASN B 6 -6.52 -6.47 0.53
N HIS B 7 -5.98 -5.44 1.17
CA HIS B 7 -6.46 -4.07 1.01
C HIS B 7 -5.38 -3.09 1.41
N LEU B 8 -5.49 -1.89 0.86
CA LEU B 8 -4.71 -0.72 1.23
C LEU B 8 -5.64 0.25 1.94
N THR B 9 -5.27 0.68 3.15
CA THR B 9 -6.05 1.68 3.88
C THR B 9 -5.23 2.94 4.02
N LEU B 10 -5.81 4.05 3.58
CA LEU B 10 -5.20 5.36 3.71
C LEU B 10 -5.97 6.15 4.76
N ALA B 11 -5.26 6.67 5.75
CA ALA B 11 -5.87 7.60 6.68
C ALA B 11 -6.05 8.94 5.99
N VAL B 12 -7.22 9.55 6.16
CA VAL B 12 -7.54 10.81 5.51
C VAL B 12 -8.02 11.80 6.55
N SER B 13 -7.75 13.09 6.32
CA SER B 13 -8.15 14.12 7.26
C SER B 13 -9.56 14.63 7.01
N GLN B 14 -10.02 14.58 5.77
CA GLN B 14 -11.35 15.04 5.40
C GLN B 14 -11.90 14.06 4.37
N LEU B 15 -13.01 13.41 4.70
CA LEU B 15 -13.47 12.32 3.84
C LEU B 15 -13.97 12.81 2.49
N ALA B 16 -14.71 13.91 2.44
CA ALA B 16 -15.31 14.31 1.18
C ALA B 16 -14.28 14.63 0.11
N PRO B 17 -13.23 15.43 0.37
CA PRO B 17 -12.25 15.65 -0.70
C PRO B 17 -11.48 14.40 -1.08
N SER B 18 -11.27 13.50 -0.14
CA SER B 18 -10.57 12.26 -0.47
C SER B 18 -11.43 11.38 -1.36
N VAL B 19 -12.73 11.26 -1.06
CA VAL B 19 -13.63 10.53 -1.96
C VAL B 19 -13.64 11.18 -3.34
N ALA B 20 -13.73 12.52 -3.40
CA ALA B 20 -13.73 13.19 -4.69
C ALA B 20 -12.48 12.88 -5.47
N PHE B 21 -11.33 12.87 -4.79
CA PHE B 21 -10.05 12.58 -5.43
C PHE B 21 -10.01 11.17 -5.99
N TYR B 22 -10.29 10.17 -5.15
CA TYR B 22 -10.14 8.79 -5.61
C TYR B 22 -11.25 8.37 -6.56
N GLN B 23 -12.51 8.75 -6.29
CA GLN B 23 -13.62 8.36 -7.14
C GLN B 23 -13.70 9.21 -8.40
N GLN B 24 -13.84 10.53 -8.25
CA GLN B 24 -14.09 11.37 -9.40
C GLN B 24 -12.82 11.65 -10.21
N LEU B 25 -11.76 12.10 -9.55
CA LEU B 25 -10.55 12.46 -10.29
C LEU B 25 -9.85 11.21 -10.81
N LEU B 26 -9.62 10.23 -9.95
N LEU B 26 -9.65 10.21 -9.95
CA LEU B 26 -8.87 9.04 -10.35
CA LEU B 26 -8.88 9.03 -10.33
C LEU B 26 -9.74 8.00 -11.04
C LEU B 26 -9.73 7.93 -10.92
N GLY B 27 -11.06 8.04 -10.87
CA GLY B 27 -11.93 7.10 -11.52
C GLY B 27 -12.16 5.79 -10.81
N MET B 28 -11.86 5.70 -9.53
CA MET B 28 -12.07 4.44 -8.85
C MET B 28 -13.55 4.25 -8.53
N THR B 29 -13.95 3.01 -8.30
CA THR B 29 -15.35 2.69 -8.04
C THR B 29 -15.66 2.80 -6.55
N LEU B 30 -16.66 3.59 -6.20
CA LEU B 30 -17.09 3.74 -4.81
C LEU B 30 -18.14 2.69 -4.49
N HIS B 31 -17.85 1.80 -3.55
CA HIS B 31 -18.79 0.75 -3.17
C HIS B 31 -19.60 1.07 -1.93
N ALA B 32 -19.05 1.79 -0.98
CA ALA B 32 -19.76 2.10 0.24
C ALA B 32 -19.08 3.26 0.93
N ARG B 33 -19.84 3.99 1.71
CA ARG B 33 -19.33 5.08 2.52
C ARG B 33 -20.10 5.11 3.82
N TRP B 34 -19.40 5.47 4.89
CA TRP B 34 -20.01 5.62 6.20
C TRP B 34 -19.46 6.88 6.83
N ASP B 35 -19.89 7.16 8.05
CA ASP B 35 -19.53 8.43 8.66
C ASP B 35 -18.03 8.62 8.77
N SER B 36 -17.26 7.53 8.88
CA SER B 36 -15.82 7.66 9.07
C SER B 36 -15.00 6.92 8.03
N GLY B 37 -15.55 6.61 6.87
CA GLY B 37 -14.69 6.05 5.84
C GLY B 37 -15.43 5.69 4.57
N ALA B 38 -14.69 5.06 3.66
CA ALA B 38 -15.25 4.61 2.40
C ALA B 38 -14.47 3.40 1.88
N TYR B 39 -15.15 2.58 1.09
CA TYR B 39 -14.52 1.49 0.37
C TYR B 39 -14.64 1.74 -1.12
N LEU B 40 -13.51 1.64 -1.83
CA LEU B 40 -13.44 1.79 -3.27
C LEU B 40 -12.69 0.59 -3.82
N SER B 41 -12.85 0.38 -5.12
CA SER B 41 -12.01 -0.57 -5.83
C SER B 41 -11.39 0.05 -7.07
N CYS B 42 -10.25 -0.49 -7.43
CA CYS B 42 -9.49 -0.09 -8.61
C CYS B 42 -8.94 -1.39 -9.18
N GLY B 43 -9.59 -1.96 -10.20
CA GLY B 43 -9.22 -3.33 -10.58
C GLY B 43 -9.36 -4.25 -9.37
N ASP B 44 -8.32 -5.06 -9.13
N ASP B 44 -8.34 -5.07 -9.10
CA ASP B 44 -8.30 -5.98 -7.99
CA ASP B 44 -8.36 -5.96 -7.94
C ASP B 44 -7.85 -5.31 -6.69
C ASP B 44 -8.12 -5.24 -6.62
N LEU B 45 -7.63 -4.00 -6.66
CA LEU B 45 -7.32 -3.31 -5.42
C LEU B 45 -8.56 -2.92 -4.65
N TRP B 46 -8.60 -3.32 -3.39
CA TRP B 46 -9.55 -2.85 -2.40
C TRP B 46 -8.88 -1.71 -1.64
N LEU B 47 -9.41 -0.52 -1.82
CA LEU B 47 -8.92 0.67 -1.13
C LEU B 47 -9.92 1.07 -0.06
N CYS B 48 -9.41 1.34 1.13
N CYS B 48 -9.40 1.32 1.14
CA CYS B 48 -10.23 1.90 2.20
CA CYS B 48 -10.16 1.90 2.22
C CYS B 48 -9.69 3.27 2.54
C CYS B 48 -9.65 3.32 2.45
N LEU B 49 -10.57 4.28 2.55
CA LEU B 49 -10.28 5.58 3.11
C LEU B 49 -10.84 5.61 4.51
N SER B 50 -10.00 5.93 5.48
CA SER B 50 -10.40 5.94 6.89
C SER B 50 -10.20 7.33 7.46
N LEU B 51 -11.30 7.97 7.86
CA LEU B 51 -11.24 9.30 8.46
C LEU B 51 -10.50 9.21 9.79
N ASP B 52 -9.43 9.97 9.93
CA ASP B 52 -8.55 9.85 11.08
C ASP B 52 -8.09 11.24 11.49
N PRO B 53 -8.50 11.74 12.66
N PRO B 53 -8.55 11.72 12.66
CA PRO B 53 -8.06 13.09 13.05
CA PRO B 53 -8.00 12.97 13.22
C PRO B 53 -6.56 13.20 13.26
C PRO B 53 -6.50 12.93 13.45
N GLN B 54 -5.86 12.07 13.42
N GLN B 54 -5.86 11.77 13.37
CA GLN B 54 -4.40 12.04 13.51
CA GLN B 54 -4.40 11.71 13.47
C GLN B 54 -3.70 12.18 12.16
C GLN B 54 -3.73 12.20 12.19
N ARG B 55 -4.42 12.11 11.05
CA ARG B 55 -3.76 12.36 9.78
C ARG B 55 -3.41 13.82 9.61
N ARG B 56 -2.14 14.09 9.32
N ARG B 56 -2.12 14.10 9.38
CA ARG B 56 -1.65 15.44 9.06
CA ARG B 56 -1.63 15.42 9.05
C ARG B 56 -1.44 15.61 7.56
C ARG B 56 -1.55 15.56 7.52
N VAL B 57 -1.88 16.75 7.02
CA VAL B 57 -1.62 17.08 5.62
C VAL B 57 -0.12 17.31 5.53
N THR B 58 0.59 16.38 4.88
CA THR B 58 2.02 16.25 5.09
C THR B 58 2.78 16.65 3.84
N PRO B 59 3.60 17.71 3.91
CA PRO B 59 4.41 18.06 2.75
C PRO B 59 5.31 16.91 2.35
N PRO B 60 5.64 16.79 1.06
CA PRO B 60 6.43 15.63 0.62
C PRO B 60 7.84 15.64 1.15
N GLU B 61 8.41 16.80 1.46
CA GLU B 61 9.73 16.86 2.07
C GLU B 61 9.73 16.30 3.48
N GLU B 62 8.56 16.17 4.10
CA GLU B 62 8.44 15.73 5.48
C GLU B 62 8.00 14.28 5.63
N SER B 63 7.80 13.56 4.54
CA SER B 63 7.49 12.15 4.60
C SER B 63 8.59 11.37 3.90
N ASP B 64 8.68 10.10 4.25
CA ASP B 64 9.65 9.22 3.65
C ASP B 64 9.13 8.73 2.30
N TYR B 65 9.89 7.82 1.66
CA TYR B 65 9.66 7.41 0.29
C TYR B 65 8.55 6.37 0.14
N THR B 66 7.91 5.96 1.23
CA THR B 66 6.80 5.02 1.11
C THR B 66 5.77 5.57 0.12
N HIS B 67 5.35 4.74 -0.83
CA HIS B 67 4.41 5.22 -1.84
C HIS B 67 3.66 4.07 -2.47
N TYR B 68 2.57 4.44 -3.16
CA TYR B 68 1.58 3.52 -3.69
C TYR B 68 1.43 3.81 -5.19
N ALA B 69 1.76 2.84 -6.02
CA ALA B 69 1.73 2.99 -7.46
C ALA B 69 0.56 2.24 -8.05
N PHE B 70 -0.19 2.92 -8.93
CA PHE B 70 -1.32 2.35 -9.64
C PHE B 70 -0.94 2.03 -11.08
N SER B 71 -1.48 0.93 -11.60
CA SER B 71 -1.21 0.52 -12.97
C SER B 71 -2.08 1.29 -13.95
N ILE B 72 -1.46 1.64 -15.07
CA ILE B 72 -2.13 2.27 -16.21
C ILE B 72 -1.42 1.80 -17.47
N SER B 73 -2.13 1.75 -18.58
CA SER B 73 -1.46 1.38 -19.83
C SER B 73 -0.61 2.55 -20.34
N GLU B 74 0.40 2.20 -21.14
CA GLU B 74 1.19 3.24 -21.79
C GLU B 74 0.30 4.15 -22.61
N ALA B 75 -0.67 3.59 -23.32
CA ALA B 75 -1.51 4.38 -24.19
C ALA B 75 -2.32 5.41 -23.41
N ASP B 76 -2.68 5.10 -22.16
CA ASP B 76 -3.53 5.99 -21.37
C ASP B 76 -2.74 6.95 -20.48
N PHE B 77 -1.44 6.71 -20.33
CA PHE B 77 -0.61 7.40 -19.34
C PHE B 77 -0.63 8.92 -19.51
N ALA B 78 -0.35 9.42 -20.72
CA ALA B 78 -0.15 10.86 -20.87
C ALA B 78 -1.43 11.64 -20.62
N SER B 79 -2.58 11.10 -21.05
N SER B 79 -2.56 11.12 -21.11
CA SER B 79 -3.82 11.84 -20.84
CA SER B 79 -3.83 11.76 -20.86
C SER B 79 -4.25 11.80 -19.37
C SER B 79 -4.13 11.83 -19.37
N PHE B 80 -3.87 10.75 -18.65
CA PHE B 80 -4.19 10.71 -17.22
C PHE B 80 -3.29 11.68 -16.46
N ALA B 81 -2.01 11.71 -16.79
CA ALA B 81 -1.13 12.71 -16.20
C ALA B 81 -1.64 14.12 -16.47
N ALA B 82 -2.11 14.39 -17.69
CA ALA B 82 -2.61 15.71 -18.02
C ALA B 82 -3.87 16.05 -17.24
N ARG B 83 -4.71 15.05 -16.97
CA ARG B 83 -5.90 15.24 -16.12
C ARG B 83 -5.50 15.65 -14.72
N LEU B 84 -4.51 14.96 -14.14
CA LEU B 84 -4.03 15.35 -12.82
C LEU B 84 -3.45 16.75 -12.84
N GLU B 85 -2.69 17.09 -13.90
N GLU B 85 -2.68 17.08 -13.88
CA GLU B 85 -2.12 18.43 -13.99
CA GLU B 85 -2.13 18.43 -13.96
C GLU B 85 -3.19 19.49 -14.13
C GLU B 85 -3.22 19.47 -14.07
N ALA B 86 -4.25 19.20 -14.89
CA ALA B 86 -5.33 20.18 -15.02
C ALA B 86 -5.96 20.45 -13.66
N ALA B 87 -6.13 19.42 -12.84
CA ALA B 87 -6.71 19.55 -11.50
C ALA B 87 -5.74 20.13 -10.49
N GLY B 88 -4.52 20.49 -10.90
CA GLY B 88 -3.58 21.10 -10.00
C GLY B 88 -2.95 20.15 -9.01
N VAL B 89 -2.90 18.88 -9.31
CA VAL B 89 -2.34 17.90 -8.40
C VAL B 89 -0.84 18.02 -8.41
N ALA B 90 -0.25 18.13 -7.23
CA ALA B 90 1.19 18.32 -7.13
C ALA B 90 1.99 17.06 -7.44
N VAL B 91 3.15 17.28 -8.03
CA VAL B 91 4.13 16.23 -8.32
C VAL B 91 5.22 16.29 -7.27
N TRP B 92 5.66 15.12 -6.79
CA TRP B 92 6.68 15.05 -5.75
C TRP B 92 8.03 14.51 -6.21
N LYS B 93 8.16 14.06 -7.46
CA LYS B 93 9.39 13.47 -7.99
C LYS B 93 9.27 13.44 -9.50
N LEU B 94 10.40 13.57 -10.22
CA LEU B 94 10.45 13.30 -11.66
C LEU B 94 10.86 11.85 -11.92
N ASN B 95 10.38 11.28 -13.01
CA ASN B 95 10.78 9.92 -13.38
C ASN B 95 12.20 9.87 -13.92
N ARG B 96 13.00 8.93 -13.36
CA ARG B 96 14.35 8.61 -13.82
C ARG B 96 14.59 7.10 -13.92
N SER B 97 13.53 6.29 -13.90
N SER B 97 13.55 6.30 -14.07
CA SER B 97 13.66 4.82 -13.94
CA SER B 97 13.75 4.85 -14.06
C SER B 97 12.97 4.28 -15.19
C SER B 97 12.81 4.23 -15.08
N GLU B 98 13.00 2.95 -15.37
CA GLU B 98 12.38 2.37 -16.56
C GLU B 98 10.88 2.27 -16.37
N GLY B 99 10.19 2.45 -17.48
CA GLY B 99 8.75 2.48 -17.50
C GLY B 99 8.26 3.86 -17.15
N ALA B 100 7.22 4.30 -17.82
CA ALA B 100 6.64 5.58 -17.49
C ALA B 100 6.17 5.62 -16.04
N SER B 101 6.42 6.74 -15.37
CA SER B 101 5.95 6.95 -14.02
C SER B 101 5.62 8.42 -13.84
N HIS B 102 4.50 8.70 -13.17
CA HIS B 102 4.07 10.04 -12.78
C HIS B 102 3.86 10.02 -11.28
N TYR B 103 4.59 10.87 -10.55
CA TYR B 103 4.61 10.84 -9.09
C TYR B 103 3.80 12.00 -8.54
N PHE B 104 2.67 11.72 -7.90
CA PHE B 104 1.73 12.75 -7.52
C PHE B 104 1.24 12.55 -6.09
N LEU B 105 0.69 13.63 -5.51
CA LEU B 105 0.27 13.63 -4.11
C LEU B 105 -1.24 13.63 -3.99
N ASP B 106 -1.75 12.91 -3.01
CA ASP B 106 -3.17 12.98 -2.67
C ASP B 106 -3.42 14.19 -1.78
N PRO B 107 -4.69 14.47 -1.44
CA PRO B 107 -5.02 15.67 -0.66
C PRO B 107 -4.32 15.76 0.69
N ASP B 108 -3.98 14.63 1.30
CA ASP B 108 -3.27 14.58 2.57
C ASP B 108 -1.78 14.41 2.43
N GLY B 109 -1.26 14.40 1.22
CA GLY B 109 0.15 14.19 0.98
C GLY B 109 0.55 12.74 0.87
N HIS B 110 -0.38 11.79 0.79
CA HIS B 110 0.05 10.44 0.48
C HIS B 110 0.75 10.45 -0.88
N LYS B 111 1.86 9.74 -0.93
CA LYS B 111 2.68 9.67 -2.14
C LYS B 111 2.17 8.57 -3.05
N LEU B 112 1.70 8.98 -4.23
CA LEU B 112 1.14 8.10 -5.24
C LEU B 112 1.98 8.13 -6.50
N GLU B 113 1.73 7.16 -7.36
CA GLU B 113 2.44 7.04 -8.62
C GLU B 113 1.52 6.38 -9.63
N LEU B 114 1.59 6.83 -10.88
CA LEU B 114 1.13 6.05 -12.01
C LEU B 114 2.35 5.36 -12.60
N HIS B 115 2.27 4.05 -12.83
CA HIS B 115 3.39 3.35 -13.44
C HIS B 115 2.91 2.40 -14.52
N VAL B 116 3.68 2.35 -15.60
CA VAL B 116 3.52 1.39 -16.67
C VAL B 116 4.63 0.37 -16.58
N GLY B 117 4.26 -0.89 -16.34
CA GLY B 117 5.23 -1.96 -16.35
C GLY B 117 5.15 -2.84 -15.13
N SER B 118 5.48 -4.11 -15.31
CA SER B 118 5.39 -5.14 -14.29
C SER B 118 6.72 -5.34 -13.57
N LEU B 119 6.66 -6.15 -12.51
CA LEU B 119 7.87 -6.61 -11.85
C LEU B 119 8.76 -7.35 -12.84
N ALA B 120 8.17 -8.22 -13.66
CA ALA B 120 8.97 -8.98 -14.63
C ALA B 120 9.73 -8.03 -15.57
N GLN B 121 9.07 -6.96 -16.02
CA GLN B 121 9.73 -6.00 -16.89
C GLN B 121 10.89 -5.32 -16.17
N ARG B 122 10.66 -4.94 -14.91
CA ARG B 122 11.72 -4.30 -14.14
C ARG B 122 12.88 -5.25 -13.93
N LEU B 123 12.60 -6.50 -13.57
CA LEU B 123 13.68 -7.44 -13.34
C LEU B 123 14.47 -7.68 -14.62
N ALA B 124 13.80 -7.74 -15.77
CA ALA B 124 14.53 -7.92 -17.03
C ALA B 124 15.46 -6.75 -17.28
N ALA B 125 14.98 -5.54 -17.06
CA ALA B 125 15.84 -4.38 -17.25
C ALA B 125 17.01 -4.39 -16.27
N CYS B 126 16.76 -4.77 -15.02
CA CYS B 126 17.83 -4.84 -14.01
C CYS B 126 18.84 -5.92 -14.34
N ARG B 127 18.41 -7.05 -14.92
N ARG B 127 18.40 -7.04 -14.91
CA ARG B 127 19.39 -8.08 -15.27
CA ARG B 127 19.37 -8.07 -15.29
C ARG B 127 20.38 -7.57 -16.31
C ARG B 127 20.38 -7.50 -16.26
N GLU B 128 19.92 -6.69 -17.21
CA GLU B 128 20.81 -6.11 -18.21
C GLU B 128 21.67 -5.00 -17.66
N GLN B 129 21.18 -4.28 -16.66
CA GLN B 129 21.90 -3.14 -16.09
C GLN B 129 21.67 -3.15 -14.58
N PRO B 130 22.37 -4.00 -13.86
CA PRO B 130 22.05 -4.17 -12.44
C PRO B 130 22.41 -2.95 -11.60
N TYR B 131 21.57 -2.69 -10.60
CA TYR B 131 21.86 -1.67 -9.61
C TYR B 131 23.11 -2.07 -8.83
N LYS B 132 23.68 -1.10 -8.13
N LYS B 132 23.73 -1.09 -8.20
CA LYS B 132 24.88 -1.34 -7.33
CA LYS B 132 24.92 -1.38 -7.41
C LYS B 132 24.63 -2.35 -6.23
C LYS B 132 24.58 -2.39 -6.33
N GLY B 133 25.38 -3.45 -6.25
CA GLY B 133 25.22 -4.50 -5.27
C GLY B 133 24.13 -5.51 -5.55
N MET B 134 23.57 -5.52 -6.76
CA MET B 134 22.39 -6.30 -7.01
C MET B 134 22.71 -7.79 -7.19
N VAL B 135 21.92 -8.60 -6.49
N VAL B 135 21.92 -8.62 -6.53
CA VAL B 135 21.90 -10.05 -6.52
CA VAL B 135 21.96 -10.05 -6.75
C VAL B 135 20.48 -10.47 -6.90
C VAL B 135 20.53 -10.54 -6.87
N PHE B 136 20.36 -11.51 -7.75
CA PHE B 136 19.09 -12.08 -8.14
C PHE B 136 18.93 -13.46 -7.52
N PHE B 137 17.67 -13.88 -7.35
CA PHE B 137 17.35 -15.17 -6.76
C PHE B 137 16.43 -15.96 -7.64
C1 EDO C . 15.29 6.79 -0.68
O1 EDO C . 14.52 5.58 -0.53
C2 EDO C . 14.82 7.65 -1.86
O2 EDO C . 14.48 6.79 -2.95
H11 EDO C . 16.33 6.53 -0.83
H12 EDO C . 15.22 7.37 0.24
HO1 EDO C . 14.82 5.09 0.24
H21 EDO C . 15.61 8.34 -2.15
H22 EDO C . 13.96 8.24 -1.56
HO2 EDO C . 14.21 7.33 -3.71
MN MN D . -7.42 -3.22 7.46
S DMS E . -11.62 -6.56 -5.92
O DMS E . -11.04 -5.64 -4.89
C1 DMS E . -13.19 -5.84 -6.48
C2 DMS E . -12.17 -8.06 -5.07
H11 DMS E . -13.65 -6.49 -7.17
H12 DMS E . -13.00 -4.91 -6.94
H13 DMS E . -13.83 -5.70 -5.65
H21 DMS E . -12.64 -7.79 -4.16
H22 DMS E . -11.33 -8.67 -4.87
H23 DMS E . -12.86 -8.58 -5.67
C4 SYV F . 23.61 -7.62 -1.04
C5 SYV F . 22.87 -8.63 -1.66
C6 SYV F . 22.58 -9.78 -0.96
N1 SYV F . 23.81 -6.40 -1.68
C7 SYV F . 21.82 -11.76 -0.29
O1 SYV F . 21.21 -12.80 -0.33
N SYV F . 22.53 -11.21 0.73
C SYV F . 22.71 -11.83 2.04
O SYV F . 21.84 -10.88 -1.35
C1 SYV F . 23.03 -9.97 0.33
C3 SYV F . 24.07 -7.83 0.27
C2 SYV F . 23.77 -8.99 0.96
H1 SYV F . 22.54 -8.53 -2.59
H2 SYV F . 24.21 -5.74 -1.26
H3 SYV F . 23.53 -6.27 -2.50
H4 SYV F . 22.30 -12.73 2.04
H5 SYV F . 23.65 -11.92 2.26
H6 SYV F . 22.28 -11.30 2.74
H7 SYV F . 24.60 -7.13 0.71
H8 SYV F . 24.09 -9.10 1.88
MN MN G . 7.47 3.38 -7.39
#